data_3RE4
#
_entry.id   3RE4
#
_cell.length_a   52.814
_cell.length_b   72.607
_cell.length_c   60.561
_cell.angle_alpha   90.00
_cell.angle_beta   90.17
_cell.angle_gamma   90.00
#
_symmetry.space_group_name_H-M   'P 1 21 1'
#
loop_
_entity.id
_entity.type
_entity.pdbx_description
1 polymer 'RIO-type serine/threonine-protein kinase Rio1'
2 non-polymer 4-amino-7-(beta-D-ribofuranosyl)-7H-pyrrolo[2,3-d]pyrimidine-5-carbonitrile
3 water water
#
_entity_poly.entity_id   1
_entity_poly.type   'polypeptide(L)'
_entity_poly.pdbx_seq_one_letter_code
;MKDLKKIESYLDKLRIKEKDGEERKIYAEVLDGRTLKTLYKLSAKGYITAMGGVISTGKEANVFYADGVFDGKPVAMAVK
IYRIETSEFDKMDEYLYGDERFDMRRISPKEKVFIWTEKEFRNLERAKEAGVSVPQPYTYMKNVLLMEFIGEDELPAPTL
VELGRELKELDVEGIFNDVVENVKRLYQEAELVHADLSEYNIMYIDKVYFIDMGQAVTLRHPMAESYLERDVRNIIRFFS
KYGVKADFEEMLKEVKGE
;
_entity_poly.pdbx_strand_id   A,B
#
# COMPACT_ATOMS: atom_id res chain seq x y z
N ASP A 3 0.72 29.21 -4.30
CA ASP A 3 0.77 28.30 -3.16
C ASP A 3 -0.41 27.33 -3.14
N LEU A 4 -1.32 27.54 -2.19
CA LEU A 4 -2.48 26.67 -2.03
C LEU A 4 -3.67 27.17 -2.84
N LYS A 5 -3.76 28.49 -2.99
CA LYS A 5 -4.76 29.09 -3.86
C LYS A 5 -4.42 28.83 -5.33
N LYS A 6 -3.13 28.99 -5.66
CA LYS A 6 -2.64 28.68 -7.01
C LYS A 6 -2.96 27.22 -7.39
N ILE A 7 -2.83 26.31 -6.43
CA ILE A 7 -3.12 24.90 -6.66
C ILE A 7 -4.60 24.62 -6.89
N GLU A 8 -5.44 25.16 -6.00
CA GLU A 8 -6.88 24.99 -6.06
C GLU A 8 -7.47 25.49 -7.38
N SER A 9 -6.97 26.59 -7.90
CA SER A 9 -7.56 27.09 -9.15
C SER A 9 -7.30 26.12 -10.30
N TYR A 10 -6.08 25.60 -10.37
CA TYR A 10 -5.77 24.64 -11.41
C TYR A 10 -6.52 23.34 -11.20
N LEU A 11 -6.75 22.94 -9.94
CA LEU A 11 -7.48 21.70 -9.73
C LEU A 11 -8.91 21.90 -10.22
N ASP A 12 -9.51 23.01 -9.80
CA ASP A 12 -10.82 23.39 -10.34
C ASP A 12 -10.81 23.38 -11.86
N LYS A 13 -9.85 24.08 -12.46
CA LYS A 13 -9.72 24.05 -13.93
C LYS A 13 -9.60 22.64 -14.50
N LEU A 14 -8.96 21.73 -13.76
CA LEU A 14 -8.79 20.37 -14.28
C LEU A 14 -10.01 19.50 -13.93
N ARG A 15 -11.00 20.11 -13.29
CA ARG A 15 -12.19 19.36 -12.89
C ARG A 15 -11.85 18.22 -11.94
N ILE A 16 -10.79 18.38 -11.15
CA ILE A 16 -10.46 17.41 -10.11
C ILE A 16 -11.19 17.79 -8.82
N LYS A 17 -12.27 17.06 -8.57
CA LYS A 17 -13.28 17.45 -7.59
C LYS A 17 -13.16 16.66 -6.28
N GLU A 18 -13.58 17.28 -5.18
CA GLU A 18 -13.52 16.60 -3.90
C GLU A 18 -14.38 15.33 -3.88
N LYS A 19 -15.49 15.33 -4.61
CA LYS A 19 -16.37 14.18 -4.64
C LYS A 19 -15.71 12.92 -5.21
N ASP A 20 -14.54 13.09 -5.84
CA ASP A 20 -13.85 11.96 -6.45
C ASP A 20 -12.97 11.13 -5.50
N GLY A 21 -13.24 11.19 -4.20
CA GLY A 21 -12.40 10.50 -3.23
C GLY A 21 -11.24 11.37 -2.81
N GLU A 22 -10.08 10.77 -2.58
CA GLU A 22 -8.91 11.51 -2.08
C GLU A 22 -8.03 12.06 -3.21
N GLU A 23 -8.44 11.89 -4.46
CA GLU A 23 -7.64 12.37 -5.59
C GLU A 23 -7.21 13.81 -5.35
N ARG A 24 -8.18 14.68 -5.13
CA ARG A 24 -7.86 16.10 -5.02
C ARG A 24 -6.81 16.39 -3.94
N LYS A 25 -6.95 15.77 -2.77
CA LYS A 25 -5.99 16.01 -1.71
C LYS A 25 -4.61 15.52 -2.16
N ILE A 26 -4.59 14.39 -2.87
CA ILE A 26 -3.33 13.83 -3.35
C ILE A 26 -2.69 14.73 -4.40
N TYR A 27 -3.46 15.14 -5.39
CA TYR A 27 -2.92 16.04 -6.42
C TYR A 27 -2.27 17.23 -5.71
N ALA A 28 -3.04 17.84 -4.80
CA ALA A 28 -2.65 19.10 -4.19
C ALA A 28 -1.33 18.97 -3.44
N GLU A 29 -1.05 17.77 -2.93
CA GLU A 29 0.21 17.54 -2.22
C GLU A 29 1.40 17.13 -3.12
N VAL A 30 1.15 16.28 -4.11
CA VAL A 30 2.26 15.68 -4.90
C VAL A 30 2.65 16.49 -6.15
N LEU A 31 1.80 17.43 -6.54
CA LEU A 31 2.07 18.29 -7.68
C LEU A 31 2.24 19.74 -7.23
N ASP A 32 3.16 20.48 -7.83
CA ASP A 32 3.42 21.85 -7.40
C ASP A 32 2.77 22.76 -8.43
N GLY A 33 2.74 24.06 -8.18
CA GLY A 33 2.04 24.98 -9.09
C GLY A 33 2.49 24.91 -10.53
N ARG A 34 3.80 24.84 -10.74
CA ARG A 34 4.34 24.81 -12.10
C ARG A 34 3.85 23.60 -12.88
N THR A 35 3.81 22.44 -12.23
CA THR A 35 3.39 21.21 -12.92
C THR A 35 1.90 21.28 -13.26
N LEU A 36 1.10 21.85 -12.36
CA LEU A 36 -0.33 21.91 -12.56
C LEU A 36 -0.63 22.80 -13.78
N LYS A 37 0.15 23.86 -13.92
CA LYS A 37 -0.02 24.80 -15.02
C LYS A 37 0.26 24.07 -16.33
N THR A 38 1.34 23.26 -16.34
CA THR A 38 1.70 22.48 -17.49
C THR A 38 0.55 21.55 -17.84
N LEU A 39 -0.07 20.93 -16.83
CA LEU A 39 -1.17 20.03 -17.11
C LEU A 39 -2.32 20.85 -17.68
N TYR A 40 -2.49 22.07 -17.18
CA TYR A 40 -3.60 22.88 -17.66
C TYR A 40 -3.32 23.26 -19.10
N LYS A 41 -2.06 23.56 -19.42
CA LYS A 41 -1.69 23.89 -20.80
C LYS A 41 -2.06 22.74 -21.76
N LEU A 42 -1.79 21.52 -21.31
CA LEU A 42 -2.05 20.34 -22.11
C LEU A 42 -3.55 20.13 -22.25
N SER A 43 -4.31 20.52 -21.23
CA SER A 43 -5.75 20.39 -21.28
C SER A 43 -6.32 21.39 -22.26
N ALA A 44 -5.82 22.62 -22.20
CA ALA A 44 -6.42 23.71 -22.99
C ALA A 44 -6.05 23.55 -24.48
N LYS A 45 -4.86 23.02 -24.75
CA LYS A 45 -4.44 22.63 -26.09
C LYS A 45 -5.27 21.48 -26.64
N GLY A 46 -5.92 20.72 -25.76
CA GLY A 46 -6.83 19.66 -26.20
C GLY A 46 -6.31 18.23 -26.08
N TYR A 47 -5.12 18.04 -25.54
CA TYR A 47 -4.54 16.70 -25.36
C TYR A 47 -5.19 15.97 -24.17
N ILE A 48 -5.54 16.73 -23.15
CA ILE A 48 -6.19 16.19 -21.98
C ILE A 48 -7.63 16.66 -21.94
N THR A 49 -8.53 15.69 -21.80
CA THR A 49 -9.95 15.95 -21.63
C THR A 49 -10.29 16.08 -20.15
N ALA A 50 -9.79 15.14 -19.35
CA ALA A 50 -10.09 15.11 -17.92
C ALA A 50 -9.11 14.24 -17.17
N MET A 51 -8.37 14.82 -16.23
CA MET A 51 -7.57 14.04 -15.30
C MET A 51 -8.45 13.16 -14.44
N GLY A 52 -7.92 12.03 -13.98
CA GLY A 52 -8.70 11.14 -13.15
C GLY A 52 -7.97 10.68 -11.91
N GLY A 53 -8.09 9.38 -11.62
CA GLY A 53 -7.54 8.82 -10.39
C GLY A 53 -6.03 8.93 -10.28
N VAL A 54 -5.53 8.82 -9.06
CA VAL A 54 -4.09 8.75 -8.90
C VAL A 54 -3.70 7.28 -8.90
N ILE A 55 -2.82 6.92 -9.82
CA ILE A 55 -2.38 5.54 -9.97
C ILE A 55 -1.20 5.20 -9.07
N SER A 56 -0.21 6.09 -9.01
CA SER A 56 0.96 5.78 -8.21
C SER A 56 1.56 7.06 -7.70
N THR A 57 2.05 7.05 -6.47
CA THR A 57 2.80 8.20 -5.94
C THR A 57 4.14 7.67 -5.49
N GLY A 58 5.21 8.29 -5.95
CA GLY A 58 6.54 7.75 -5.76
C GLY A 58 7.51 8.82 -5.33
N LYS A 59 8.78 8.46 -5.27
CA LYS A 59 9.81 9.39 -4.80
C LYS A 59 10.36 10.21 -5.96
N GLU A 60 10.30 9.65 -7.17
CA GLU A 60 10.83 10.33 -8.38
C GLU A 60 9.73 10.88 -9.27
N ALA A 61 8.62 10.15 -9.31
CA ALA A 61 7.53 10.39 -10.24
C ALA A 61 6.19 10.05 -9.59
N ASN A 62 5.13 10.64 -10.12
CA ASN A 62 3.77 10.26 -9.78
C ASN A 62 2.99 9.86 -11.05
N VAL A 63 2.07 8.91 -10.97
CA VAL A 63 1.35 8.50 -12.17
C VAL A 63 -0.15 8.69 -11.97
N PHE A 64 -0.82 9.30 -12.95
CA PHE A 64 -2.26 9.53 -12.92
C PHE A 64 -2.99 8.97 -14.11
N TYR A 65 -4.27 8.67 -13.94
CA TYR A 65 -5.11 8.35 -15.09
C TYR A 65 -5.62 9.65 -15.74
N ALA A 66 -5.74 9.67 -17.07
CA ALA A 66 -6.44 10.75 -17.76
C ALA A 66 -7.18 10.29 -19.01
N ASP A 67 -8.33 10.91 -19.26
CA ASP A 67 -8.95 10.83 -20.57
C ASP A 67 -8.41 11.96 -21.41
N GLY A 68 -8.03 11.64 -22.64
CA GLY A 68 -7.43 12.62 -23.53
C GLY A 68 -7.64 12.31 -24.99
N VAL A 69 -6.94 13.05 -25.83
CA VAL A 69 -7.08 12.88 -27.27
C VAL A 69 -5.71 12.75 -27.91
N PHE A 70 -5.58 11.73 -28.74
CA PHE A 70 -4.38 11.54 -29.51
C PHE A 70 -4.73 10.90 -30.86
N ASP A 71 -4.10 11.34 -31.94
CA ASP A 71 -4.45 10.83 -33.26
C ASP A 71 -5.90 11.11 -33.58
N GLY A 72 -6.42 12.19 -33.01
CA GLY A 72 -7.80 12.56 -33.26
C GLY A 72 -8.82 11.57 -32.70
N LYS A 73 -8.36 10.64 -31.85
CA LYS A 73 -9.27 9.76 -31.13
C LYS A 73 -9.10 9.93 -29.63
N PRO A 74 -10.21 9.70 -28.89
CA PRO A 74 -10.17 9.73 -27.44
C PRO A 74 -9.36 8.52 -26.98
N VAL A 75 -8.42 8.74 -26.07
CA VAL A 75 -7.62 7.64 -25.56
C VAL A 75 -7.60 7.65 -24.03
N ALA A 76 -7.52 6.46 -23.45
CA ALA A 76 -7.21 6.32 -22.02
C ALA A 76 -5.71 6.56 -21.86
N MET A 77 -5.36 7.47 -20.94
CA MET A 77 -3.95 7.84 -20.77
C MET A 77 -3.41 7.55 -19.38
N ALA A 78 -2.14 7.21 -19.35
CA ALA A 78 -1.42 7.29 -18.11
C ALA A 78 -0.62 8.56 -18.27
N VAL A 79 -0.66 9.39 -17.24
CA VAL A 79 0.09 10.65 -17.22
C VAL A 79 1.20 10.42 -16.20
N LYS A 80 2.45 10.38 -16.66
CA LYS A 80 3.53 10.16 -15.70
C LYS A 80 4.28 11.46 -15.50
N ILE A 81 4.39 11.88 -14.24
CA ILE A 81 4.96 13.19 -13.94
C ILE A 81 6.18 13.07 -13.02
N TYR A 82 7.33 13.52 -13.52
CA TYR A 82 8.53 13.58 -12.68
C TYR A 82 8.50 14.81 -11.74
N ARG A 83 8.81 14.58 -10.47
CA ARG A 83 8.83 15.65 -9.48
C ARG A 83 9.96 16.61 -9.81
N ILE A 84 9.65 17.91 -9.78
CA ILE A 84 10.60 18.92 -10.21
C ILE A 84 11.91 18.90 -9.43
N GLU A 85 11.85 18.46 -8.17
CA GLU A 85 13.01 17.80 -7.53
C GLU A 85 12.69 16.34 -7.19
N ASP A 90 18.72 12.61 -8.50
CA ASP A 90 20.07 12.71 -7.96
C ASP A 90 20.93 11.53 -8.40
N LYS A 91 20.51 10.33 -7.97
CA LYS A 91 21.29 9.09 -8.11
C LYS A 91 21.42 8.59 -9.54
N MET A 92 20.49 9.02 -10.38
CA MET A 92 20.29 8.50 -11.74
C MET A 92 21.42 8.79 -12.73
N ASP A 93 22.48 9.47 -12.28
CA ASP A 93 23.33 10.21 -13.21
C ASP A 93 24.13 9.40 -14.22
N GLU A 94 24.54 8.21 -13.82
CA GLU A 94 25.27 7.31 -14.70
C GLU A 94 24.42 6.95 -15.89
N TYR A 95 23.11 7.08 -15.74
CA TYR A 95 22.16 6.68 -16.78
C TYR A 95 21.87 7.83 -17.71
N LEU A 96 22.27 9.02 -17.27
CA LEU A 96 22.10 10.24 -18.07
C LEU A 96 23.40 10.56 -18.80
N TYR A 97 24.43 10.95 -18.05
CA TYR A 97 25.77 11.07 -18.64
C TYR A 97 26.20 9.69 -19.12
N GLY A 98 27.02 9.61 -20.14
CA GLY A 98 27.39 8.29 -20.63
C GLY A 98 26.43 7.73 -21.67
N ASP A 99 25.17 8.16 -21.66
CA ASP A 99 24.31 7.97 -22.84
C ASP A 99 24.70 8.99 -23.90
N GLU A 100 25.01 8.52 -25.11
CA GLU A 100 25.59 9.36 -26.15
C GLU A 100 24.67 10.50 -26.55
N ARG A 101 23.37 10.27 -26.43
CA ARG A 101 22.38 11.25 -26.88
C ARG A 101 22.32 12.45 -25.96
N PHE A 102 22.96 12.35 -24.79
CA PHE A 102 22.89 13.43 -23.79
C PHE A 102 24.24 13.81 -23.20
N ASP A 103 25.28 13.07 -23.59
CA ASP A 103 26.57 13.19 -22.91
C ASP A 103 27.40 14.36 -23.41
N MET A 104 26.91 15.04 -24.45
CA MET A 104 27.48 16.30 -24.91
C MET A 104 26.42 17.38 -24.92
N ARG A 105 25.57 17.40 -23.90
CA ARG A 105 24.47 18.35 -23.82
C ARG A 105 24.58 19.14 -22.53
N ARG A 106 23.81 20.22 -22.40
CA ARG A 106 23.88 21.00 -21.16
C ARG A 106 22.87 20.52 -20.12
N ILE A 107 23.32 19.63 -19.24
CA ILE A 107 22.49 19.15 -18.16
C ILE A 107 22.49 20.18 -17.03
N SER A 108 21.77 21.28 -17.25
CA SER A 108 21.53 22.25 -16.19
C SER A 108 20.63 21.66 -15.10
N PRO A 109 20.90 22.00 -13.83
CA PRO A 109 20.10 21.56 -12.68
C PRO A 109 18.60 21.84 -12.86
N LYS A 110 18.25 23.05 -13.28
CA LYS A 110 16.85 23.44 -13.46
C LYS A 110 16.21 22.84 -14.72
N GLU A 111 17.01 22.13 -15.51
CA GLU A 111 16.56 21.53 -16.76
C GLU A 111 16.62 19.99 -16.66
N LYS A 112 17.34 19.51 -15.65
CA LYS A 112 17.65 18.08 -15.56
C LYS A 112 16.43 17.17 -15.62
N VAL A 113 15.41 17.48 -14.82
CA VAL A 113 14.21 16.64 -14.78
C VAL A 113 13.49 16.65 -16.12
N PHE A 114 13.49 17.80 -16.80
CA PHE A 114 12.88 17.90 -18.13
C PHE A 114 13.63 17.09 -19.18
N ILE A 115 14.95 17.06 -19.06
CA ILE A 115 15.75 16.24 -19.95
C ILE A 115 15.50 14.74 -19.66
N TRP A 116 15.26 14.40 -18.39
CA TRP A 116 14.97 13.02 -18.05
C TRP A 116 13.65 12.61 -18.68
N THR A 117 12.64 13.48 -18.59
CA THR A 117 11.33 13.19 -19.15
C THR A 117 11.45 12.98 -20.64
N GLU A 118 12.23 13.84 -21.27
CA GLU A 118 12.44 13.75 -22.71
C GLU A 118 13.08 12.39 -23.02
N LYS A 119 14.09 12.03 -22.25
CA LYS A 119 14.78 10.76 -22.45
C LYS A 119 13.82 9.60 -22.37
N GLU A 120 12.96 9.59 -21.36
CA GLU A 120 12.00 8.51 -21.30
C GLU A 120 11.11 8.52 -22.57
N PHE A 121 10.55 9.67 -22.91
CA PHE A 121 9.72 9.72 -24.13
C PHE A 121 10.47 9.17 -25.35
N ARG A 122 11.70 9.60 -25.54
CA ARG A 122 12.45 9.10 -26.72
C ARG A 122 12.77 7.61 -26.63
N ASN A 123 12.98 7.10 -25.41
CA ASN A 123 13.17 5.66 -25.25
C ASN A 123 11.86 4.93 -25.56
N LEU A 124 10.73 5.45 -25.09
CA LEU A 124 9.47 4.80 -25.43
C LEU A 124 9.26 4.73 -26.95
N GLU A 125 9.49 5.84 -27.67
CA GLU A 125 9.28 5.83 -29.13
C GLU A 125 10.20 4.80 -29.76
N ARG A 126 11.46 4.84 -29.36
CA ARG A 126 12.49 3.95 -29.89
C ARG A 126 12.13 2.50 -29.70
N ALA A 127 11.71 2.15 -28.49
CA ALA A 127 11.33 0.77 -28.18
C ALA A 127 10.10 0.39 -28.96
N LYS A 128 9.08 1.25 -28.89
CA LYS A 128 7.79 0.96 -29.50
C LYS A 128 8.00 0.72 -30.99
N GLU A 129 8.75 1.61 -31.63
CA GLU A 129 8.93 1.45 -33.08
C GLU A 129 9.75 0.22 -33.46
N ALA A 130 10.59 -0.25 -32.55
CA ALA A 130 11.32 -1.49 -32.81
C ALA A 130 10.50 -2.74 -32.47
N GLY A 131 9.22 -2.58 -32.15
CA GLY A 131 8.35 -3.71 -31.87
C GLY A 131 8.40 -4.30 -30.44
N VAL A 132 9.04 -3.57 -29.53
CA VAL A 132 8.96 -3.90 -28.10
C VAL A 132 7.59 -3.46 -27.56
N SER A 133 7.04 -4.30 -26.69
CA SER A 133 5.80 -3.95 -25.98
C SER A 133 6.02 -2.90 -24.87
N VAL A 134 5.84 -1.63 -25.22
CA VAL A 134 5.79 -0.55 -24.21
C VAL A 134 4.50 0.22 -24.43
N PRO A 135 4.08 1.09 -23.48
CA PRO A 135 2.87 1.86 -23.75
C PRO A 135 3.11 2.82 -24.90
N GLN A 136 2.16 2.94 -25.83
CA GLN A 136 2.33 3.93 -26.90
C GLN A 136 2.56 5.33 -26.30
N PRO A 137 3.72 5.94 -26.58
CA PRO A 137 3.93 7.33 -26.11
C PRO A 137 3.16 8.34 -26.98
N TYR A 138 2.56 9.35 -26.38
CA TYR A 138 1.65 10.24 -27.11
C TYR A 138 2.34 11.56 -27.24
N THR A 139 2.59 12.19 -26.11
CA THR A 139 3.37 13.42 -26.08
C THR A 139 4.02 13.66 -24.73
N TYR A 140 4.80 14.73 -24.66
CA TYR A 140 5.38 15.18 -23.40
C TYR A 140 5.57 16.68 -23.39
N MET A 141 5.63 17.24 -22.19
CA MET A 141 5.90 18.66 -22.00
C MET A 141 6.53 18.88 -20.65
N LYS A 142 7.69 19.50 -20.65
CA LYS A 142 8.38 19.76 -19.41
C LYS A 142 8.54 18.44 -18.67
N ASN A 143 7.97 18.32 -17.46
CA ASN A 143 8.13 17.10 -16.61
C ASN A 143 6.93 16.13 -16.73
N VAL A 144 6.10 16.37 -17.74
CA VAL A 144 4.87 15.62 -17.97
C VAL A 144 4.87 14.73 -19.22
N LEU A 145 4.60 13.44 -18.99
CA LEU A 145 4.57 12.44 -20.07
C LEU A 145 3.16 11.93 -20.23
N LEU A 146 2.64 11.95 -21.45
CA LEU A 146 1.31 11.36 -21.71
C LEU A 146 1.53 10.11 -22.52
N MET A 147 0.96 8.99 -22.08
CA MET A 147 1.14 7.75 -22.83
C MET A 147 -0.07 6.84 -22.75
N GLU A 148 -0.01 5.73 -23.48
CA GLU A 148 -1.10 4.79 -23.52
C GLU A 148 -1.39 4.22 -22.13
N PHE A 149 -2.67 4.15 -21.73
CA PHE A 149 -3.04 3.54 -20.43
C PHE A 149 -3.08 2.01 -20.52
N ILE A 150 -2.26 1.33 -19.73
CA ILE A 150 -2.24 -0.12 -19.76
C ILE A 150 -3.18 -0.65 -18.68
N GLY A 151 -4.34 -1.14 -19.12
CA GLY A 151 -5.39 -1.57 -18.19
C GLY A 151 -6.74 -1.31 -18.84
N GLU A 152 -7.82 -1.45 -18.08
CA GLU A 152 -9.13 -1.11 -18.63
C GLU A 152 -10.04 -0.50 -17.58
N ASP A 153 -10.97 0.34 -18.03
CA ASP A 153 -11.91 0.98 -17.12
C ASP A 153 -11.17 1.64 -15.95
N GLU A 154 -10.09 2.32 -16.29
CA GLU A 154 -9.32 3.17 -15.37
C GLU A 154 -8.56 2.40 -14.29
N LEU A 155 -8.51 1.09 -14.38
CA LEU A 155 -7.64 0.38 -13.45
C LEU A 155 -6.45 -0.24 -14.17
N PRO A 156 -5.24 0.11 -13.71
CA PRO A 156 -4.02 -0.38 -14.35
C PRO A 156 -3.88 -1.92 -14.32
N ALA A 157 -3.33 -2.44 -15.40
CA ALA A 157 -2.96 -3.83 -15.46
C ALA A 157 -2.04 -4.07 -14.28
N PRO A 158 -2.08 -5.26 -13.70
CA PRO A 158 -1.12 -5.60 -12.64
C PRO A 158 0.32 -5.73 -13.14
N THR A 159 1.26 -5.28 -12.34
CA THR A 159 2.66 -5.63 -12.53
C THR A 159 2.88 -7.08 -12.15
N LEU A 160 4.01 -7.64 -12.56
CA LEU A 160 4.32 -9.02 -12.21
C LEU A 160 4.33 -9.31 -10.72
N VAL A 161 4.91 -8.40 -9.95
CA VAL A 161 4.97 -8.55 -8.51
C VAL A 161 3.56 -8.51 -7.90
N GLU A 162 2.68 -7.66 -8.45
CA GLU A 162 1.27 -7.62 -8.05
C GLU A 162 0.51 -8.92 -8.38
N LEU A 163 0.94 -9.57 -9.45
CA LEU A 163 0.39 -10.88 -9.80
C LEU A 163 0.84 -11.90 -8.76
N GLY A 164 2.14 -11.91 -8.46
CA GLY A 164 2.69 -12.86 -7.52
C GLY A 164 2.25 -14.30 -7.75
N ARG A 165 1.66 -14.93 -6.75
CA ARG A 165 1.32 -16.35 -6.88
C ARG A 165 0.36 -16.59 -8.00
N GLU A 166 -0.38 -15.55 -8.39
CA GLU A 166 -1.37 -15.75 -9.42
C GLU A 166 -0.67 -16.22 -10.69
N LEU A 167 0.63 -15.97 -10.79
CA LEU A 167 1.39 -16.38 -11.98
C LEU A 167 1.37 -17.90 -12.13
N LYS A 168 1.24 -18.63 -11.02
CA LYS A 168 1.14 -20.07 -11.11
C LYS A 168 -0.19 -20.49 -11.73
N GLU A 169 -1.14 -19.57 -11.75
CA GLU A 169 -2.41 -19.85 -12.39
C GLU A 169 -2.38 -19.39 -13.84
N LEU A 170 -1.23 -18.85 -14.26
CA LEU A 170 -1.08 -18.38 -15.64
C LEU A 170 -0.04 -19.16 -16.43
N ASP A 171 0.16 -18.78 -17.69
CA ASP A 171 1.25 -19.40 -18.45
C ASP A 171 2.55 -18.72 -18.04
N VAL A 172 3.06 -19.08 -16.87
CA VAL A 172 4.23 -18.37 -16.33
C VAL A 172 5.45 -18.55 -17.22
N GLU A 173 5.62 -19.73 -17.79
CA GLU A 173 6.72 -19.94 -18.73
C GLU A 173 6.55 -19.10 -20.01
N GLY A 174 5.33 -19.04 -20.51
CA GLY A 174 4.97 -18.18 -21.64
C GLY A 174 5.19 -16.71 -21.33
N ILE A 175 4.79 -16.28 -20.13
CA ILE A 175 5.02 -14.89 -19.73
C ILE A 175 6.53 -14.61 -19.65
N PHE A 176 7.28 -15.55 -19.12
CA PHE A 176 8.73 -15.42 -19.11
C PHE A 176 9.30 -15.26 -20.53
N ASN A 177 8.85 -16.12 -21.45
CA ASN A 177 9.33 -16.06 -22.84
C ASN A 177 8.94 -14.75 -23.52
N ASP A 178 7.81 -14.19 -23.13
CA ASP A 178 7.35 -12.91 -23.65
C ASP A 178 8.31 -11.83 -23.20
N VAL A 179 8.64 -11.86 -21.91
CA VAL A 179 9.63 -10.92 -21.39
C VAL A 179 10.96 -11.06 -22.11
N VAL A 180 11.41 -12.29 -22.33
CA VAL A 180 12.72 -12.49 -22.96
C VAL A 180 12.70 -11.96 -24.41
N GLU A 181 11.63 -12.25 -25.14
CA GLU A 181 11.46 -11.79 -26.51
C GLU A 181 11.50 -10.26 -26.53
N ASN A 182 10.87 -9.61 -25.56
CA ASN A 182 10.91 -8.16 -25.52
C ASN A 182 12.29 -7.56 -25.20
N VAL A 183 13.01 -8.19 -24.29
CA VAL A 183 14.41 -7.82 -24.00
C VAL A 183 15.26 -8.00 -25.27
N LYS A 184 15.02 -9.10 -25.98
CA LYS A 184 15.76 -9.38 -27.21
C LYS A 184 15.47 -8.31 -28.30
N ARG A 185 14.21 -7.93 -28.46
CA ARG A 185 13.87 -6.88 -29.42
C ARG A 185 14.44 -5.55 -28.95
N LEU A 186 14.32 -5.28 -27.65
CA LEU A 186 14.88 -4.03 -27.10
C LEU A 186 16.37 -3.93 -27.45
N TYR A 187 17.10 -5.02 -27.23
CA TYR A 187 18.53 -5.03 -27.45
C TYR A 187 18.91 -5.03 -28.95
N GLN A 188 18.31 -5.95 -29.72
CA GLN A 188 18.66 -6.15 -31.13
C GLN A 188 18.12 -5.08 -32.08
N GLU A 189 16.82 -4.77 -31.99
CA GLU A 189 16.22 -3.75 -32.86
C GLU A 189 16.27 -2.33 -32.32
N ALA A 190 15.90 -2.14 -31.06
CA ALA A 190 15.89 -0.80 -30.50
C ALA A 190 17.31 -0.40 -30.10
N GLU A 191 18.19 -1.39 -29.95
CA GLU A 191 19.54 -1.07 -29.42
C GLU A 191 19.54 -0.29 -28.09
N LEU A 192 18.66 -0.70 -27.18
CA LEU A 192 18.60 -0.15 -25.85
C LEU A 192 18.75 -1.27 -24.79
N VAL A 193 19.25 -0.91 -23.61
CA VAL A 193 19.13 -1.79 -22.43
C VAL A 193 18.24 -1.09 -21.41
N HIS A 194 17.22 -1.79 -20.92
CA HIS A 194 16.27 -1.18 -19.98
C HIS A 194 17.00 -0.65 -18.76
N ALA A 195 17.85 -1.49 -18.18
CA ALA A 195 18.76 -1.06 -17.12
C ALA A 195 18.08 -1.00 -15.74
N ASP A 196 16.77 -1.21 -15.66
CA ASP A 196 16.13 -1.41 -14.35
C ASP A 196 14.99 -2.42 -14.50
N LEU A 197 15.18 -3.49 -15.28
CA LEU A 197 14.08 -4.41 -15.59
C LEU A 197 13.83 -5.34 -14.40
N SER A 198 12.59 -5.35 -13.94
CA SER A 198 12.19 -6.15 -12.77
C SER A 198 10.71 -6.39 -12.78
N GLU A 199 10.25 -7.17 -11.81
CA GLU A 199 8.84 -7.49 -11.66
C GLU A 199 8.05 -6.25 -11.27
N TYR A 200 8.76 -5.17 -10.90
CA TYR A 200 8.12 -3.92 -10.54
C TYR A 200 7.80 -3.03 -11.76
N ASN A 201 8.41 -3.31 -12.90
CA ASN A 201 8.10 -2.48 -14.08
C ASN A 201 7.79 -3.30 -15.34
N ILE A 202 7.23 -4.47 -15.13
CA ILE A 202 6.67 -5.26 -16.23
C ILE A 202 5.21 -5.40 -15.88
N MET A 203 4.32 -4.95 -16.75
CA MET A 203 2.87 -5.15 -16.50
C MET A 203 2.34 -6.24 -17.41
N TYR A 204 1.19 -6.81 -17.08
CA TYR A 204 0.66 -7.92 -17.86
C TYR A 204 -0.84 -7.81 -18.03
N ILE A 205 -1.24 -7.77 -19.30
CA ILE A 205 -2.63 -7.80 -19.71
C ILE A 205 -2.94 -9.13 -20.41
N ASP A 206 -2.74 -9.17 -21.72
CA ASP A 206 -2.86 -10.42 -22.47
C ASP A 206 -1.45 -10.84 -22.82
N LYS A 207 -0.50 -9.97 -22.48
CA LYS A 207 0.89 -10.09 -22.86
C LYS A 207 1.61 -9.10 -21.97
N VAL A 208 2.94 -9.10 -21.99
CA VAL A 208 3.69 -8.15 -21.16
C VAL A 208 3.92 -6.78 -21.81
N TYR A 209 4.08 -5.79 -20.96
CA TYR A 209 4.48 -4.45 -21.38
C TYR A 209 5.58 -4.04 -20.43
N PHE A 210 6.64 -3.47 -20.99
CA PHE A 210 7.66 -2.85 -20.13
C PHE A 210 7.30 -1.37 -19.85
N ILE A 211 7.51 -0.91 -18.62
CA ILE A 211 7.34 0.51 -18.28
C ILE A 211 8.59 1.11 -17.62
N ASP A 212 8.53 2.40 -17.28
CA ASP A 212 9.66 3.05 -16.62
C ASP A 212 10.96 2.88 -17.41
N MET A 213 11.05 3.63 -18.53
CA MET A 213 12.14 3.58 -19.51
C MET A 213 13.06 4.80 -19.42
N GLY A 214 12.82 5.64 -18.42
CA GLY A 214 13.63 6.84 -18.26
C GLY A 214 15.11 6.51 -18.27
N GLN A 215 15.52 5.45 -17.55
CA GLN A 215 16.96 5.16 -17.43
C GLN A 215 17.58 4.34 -18.56
N ALA A 216 16.77 3.79 -19.46
CA ALA A 216 17.30 2.96 -20.54
C ALA A 216 18.39 3.69 -21.35
N VAL A 217 19.45 2.95 -21.69
CA VAL A 217 20.60 3.48 -22.39
C VAL A 217 20.83 2.73 -23.71
N THR A 218 21.38 3.40 -24.72
CA THR A 218 21.71 2.70 -25.96
C THR A 218 22.91 1.76 -25.74
N LEU A 219 23.17 0.89 -26.69
CA LEU A 219 24.22 -0.10 -26.53
C LEU A 219 25.60 0.55 -26.50
N ARG A 220 25.66 1.84 -26.81
CA ARG A 220 26.96 2.53 -26.88
C ARG A 220 27.37 3.05 -25.50
N HIS A 221 26.41 3.10 -24.59
CA HIS A 221 26.73 3.35 -23.19
C HIS A 221 27.70 2.29 -22.79
N PRO A 222 28.77 2.67 -22.09
CA PRO A 222 29.83 1.75 -21.68
C PRO A 222 29.39 0.71 -20.65
N MET A 223 28.28 0.91 -19.94
CA MET A 223 27.83 -0.08 -18.97
C MET A 223 26.67 -0.91 -19.51
N ALA A 224 26.38 -0.73 -20.79
CA ALA A 224 25.17 -1.28 -21.38
C ALA A 224 25.11 -2.79 -21.25
N GLU A 225 26.24 -3.46 -21.46
CA GLU A 225 26.27 -4.91 -21.40
C GLU A 225 26.20 -5.40 -19.96
N SER A 226 26.76 -4.62 -19.05
CA SER A 226 26.62 -4.92 -17.65
C SER A 226 25.15 -4.72 -17.21
N TYR A 227 24.52 -3.64 -17.67
CA TYR A 227 23.12 -3.42 -17.33
C TYR A 227 22.28 -4.57 -17.85
N LEU A 228 22.57 -5.01 -19.05
CA LEU A 228 21.78 -6.09 -19.65
C LEU A 228 21.84 -7.35 -18.78
N GLU A 229 23.04 -7.75 -18.40
CA GLU A 229 23.17 -9.01 -17.70
C GLU A 229 22.49 -8.91 -16.37
N ARG A 230 22.58 -7.73 -15.75
CA ARG A 230 21.84 -7.45 -14.52
C ARG A 230 20.32 -7.65 -14.75
N ASP A 231 19.78 -7.11 -15.85
CA ASP A 231 18.38 -7.29 -16.23
C ASP A 231 18.03 -8.76 -16.38
N VAL A 232 18.89 -9.51 -17.06
CA VAL A 232 18.64 -10.92 -17.35
C VAL A 232 18.68 -11.81 -16.10
N ARG A 233 19.72 -11.63 -15.27
CA ARG A 233 19.80 -12.28 -13.98
C ARG A 233 18.60 -11.94 -13.12
N ASN A 234 18.20 -10.68 -13.15
CA ASN A 234 17.08 -10.25 -12.32
C ASN A 234 15.79 -10.97 -12.65
N ILE A 235 15.53 -11.08 -13.95
CA ILE A 235 14.32 -11.68 -14.50
C ILE A 235 14.30 -13.18 -14.29
N ILE A 236 15.42 -13.84 -14.52
CA ILE A 236 15.53 -15.27 -14.25
C ILE A 236 15.30 -15.61 -12.78
N ARG A 237 15.84 -14.77 -11.88
CA ARG A 237 15.69 -15.03 -10.46
C ARG A 237 14.25 -14.83 -9.99
N PHE A 238 13.59 -13.80 -10.52
CA PHE A 238 12.19 -13.60 -10.21
C PHE A 238 11.33 -14.75 -10.70
N PHE A 239 11.50 -15.18 -11.94
CA PHE A 239 10.60 -16.23 -12.45
C PHE A 239 10.93 -17.59 -11.85
N SER A 240 12.09 -17.68 -11.21
CA SER A 240 12.49 -18.92 -10.58
C SER A 240 11.53 -19.21 -9.41
N LYS A 241 11.02 -18.16 -8.79
CA LYS A 241 10.13 -18.30 -7.63
C LYS A 241 8.81 -18.90 -8.06
N TYR A 242 8.53 -18.89 -9.36
CA TYR A 242 7.21 -19.32 -9.82
C TYR A 242 7.30 -20.52 -10.74
N GLY A 243 8.47 -21.12 -10.76
CA GLY A 243 8.63 -22.41 -11.41
C GLY A 243 9.26 -22.40 -12.80
N VAL A 244 9.72 -21.24 -13.25
CA VAL A 244 10.38 -21.17 -14.56
C VAL A 244 11.85 -21.57 -14.43
N LYS A 245 12.23 -22.61 -15.17
CA LYS A 245 13.60 -23.08 -15.15
C LYS A 245 14.35 -22.62 -16.38
N ALA A 246 15.31 -21.73 -16.14
CA ALA A 246 15.96 -21.03 -17.23
C ALA A 246 17.43 -20.86 -16.90
N ASP A 247 18.25 -20.93 -17.95
CA ASP A 247 19.70 -20.80 -17.80
C ASP A 247 20.17 -19.41 -18.23
N PHE A 248 20.97 -18.77 -17.39
CA PHE A 248 21.49 -17.42 -17.65
C PHE A 248 22.24 -17.33 -19.00
N GLU A 249 23.21 -18.20 -19.18
CA GLU A 249 23.98 -18.22 -20.42
C GLU A 249 23.10 -18.26 -21.66
N GLU A 250 22.15 -19.19 -21.68
CA GLU A 250 21.32 -19.41 -22.85
C GLU A 250 20.44 -18.18 -23.13
N MET A 251 19.82 -17.65 -22.08
CA MET A 251 18.99 -16.49 -22.26
C MET A 251 19.80 -15.25 -22.72
N LEU A 252 20.95 -14.99 -22.08
CA LEU A 252 21.81 -13.89 -22.50
C LEU A 252 22.24 -14.03 -23.97
N LYS A 253 22.65 -15.23 -24.38
CA LYS A 253 23.02 -15.43 -25.79
C LYS A 253 21.81 -15.18 -26.70
N GLU A 254 20.66 -15.70 -26.30
CA GLU A 254 19.44 -15.50 -27.08
C GLU A 254 19.19 -14.01 -27.27
N VAL A 255 19.30 -13.24 -26.19
CA VAL A 255 19.03 -11.82 -26.28
C VAL A 255 20.00 -11.15 -27.23
N LYS A 256 21.28 -11.48 -27.08
CA LYS A 256 22.34 -10.79 -27.80
C LYS A 256 22.53 -11.28 -29.25
N GLY A 257 21.97 -12.45 -29.57
CA GLY A 257 22.07 -12.97 -30.92
C GLY A 257 23.30 -13.82 -31.18
N GLU A 258 23.75 -14.48 -30.12
CA GLU A 258 24.85 -15.44 -30.17
C GLU A 258 24.31 -16.88 -30.20
N ASP B 3 -33.55 -10.70 28.64
CA ASP B 3 -33.93 -9.62 27.72
C ASP B 3 -33.44 -8.26 28.16
N LEU B 4 -34.37 -7.43 28.65
CA LEU B 4 -34.04 -6.08 29.10
C LEU B 4 -33.79 -6.07 30.60
N LYS B 5 -34.48 -6.94 31.33
CA LYS B 5 -34.23 -7.09 32.77
C LYS B 5 -32.89 -7.79 33.00
N LYS B 6 -32.61 -8.82 32.19
CA LYS B 6 -31.33 -9.53 32.21
C LYS B 6 -30.16 -8.57 31.95
N ILE B 7 -30.38 -7.59 31.07
CA ILE B 7 -29.36 -6.59 30.73
C ILE B 7 -29.12 -5.61 31.87
N GLU B 8 -30.20 -5.01 32.35
CA GLU B 8 -30.12 -4.06 33.43
C GLU B 8 -29.40 -4.64 34.66
N SER B 9 -29.66 -5.90 35.02
CA SER B 9 -29.00 -6.44 36.23
C SER B 9 -27.49 -6.49 36.05
N TYR B 10 -27.04 -6.96 34.90
CA TYR B 10 -25.61 -6.95 34.62
C TYR B 10 -25.01 -5.55 34.55
N LEU B 11 -25.77 -4.59 34.02
CA LEU B 11 -25.24 -3.23 33.95
C LEU B 11 -25.08 -2.73 35.37
N ASP B 12 -26.11 -2.90 36.20
CA ASP B 12 -26.00 -2.58 37.62
C ASP B 12 -24.77 -3.25 38.19
N LYS B 13 -24.64 -4.56 37.98
CA LYS B 13 -23.47 -5.28 38.52
C LYS B 13 -22.17 -4.70 38.04
N LEU B 14 -22.13 -4.20 36.80
CA LEU B 14 -20.91 -3.61 36.28
C LEU B 14 -20.76 -2.14 36.70
N ARG B 15 -21.70 -1.65 37.49
CA ARG B 15 -21.63 -0.26 37.92
C ARG B 15 -21.67 0.70 36.73
N ILE B 16 -22.35 0.29 35.67
CA ILE B 16 -22.54 1.21 34.54
C ILE B 16 -23.84 1.97 34.77
N LYS B 17 -23.68 3.23 35.18
CA LYS B 17 -24.76 4.05 35.74
C LYS B 17 -25.31 5.08 34.75
N GLU B 18 -26.59 5.41 34.90
CA GLU B 18 -27.21 6.40 34.04
C GLU B 18 -26.49 7.76 34.13
N LYS B 19 -25.99 8.10 35.32
CA LYS B 19 -25.32 9.39 35.49
C LYS B 19 -24.06 9.56 34.62
N ASP B 20 -23.61 8.49 33.98
CA ASP B 20 -22.37 8.51 33.20
C ASP B 20 -22.56 8.93 31.74
N GLY B 21 -23.63 9.66 31.45
CA GLY B 21 -23.92 10.03 30.09
C GLY B 21 -24.71 8.92 29.41
N GLU B 22 -24.44 8.69 28.12
CA GLU B 22 -25.22 7.72 27.35
C GLU B 22 -24.66 6.29 27.38
N GLU B 23 -23.55 6.10 28.11
CA GLU B 23 -22.89 4.79 28.13
C GLU B 23 -23.89 3.69 28.36
N ARG B 24 -24.67 3.81 29.44
CA ARG B 24 -25.63 2.78 29.78
C ARG B 24 -26.60 2.41 28.66
N LYS B 25 -27.21 3.41 28.02
CA LYS B 25 -28.09 3.16 26.90
C LYS B 25 -27.33 2.46 25.78
N ILE B 26 -26.08 2.86 25.57
CA ILE B 26 -25.30 2.25 24.50
C ILE B 26 -24.98 0.78 24.82
N TYR B 27 -24.43 0.53 26.01
CA TYR B 27 -24.17 -0.85 26.42
C TYR B 27 -25.43 -1.71 26.18
N ALA B 28 -26.56 -1.20 26.66
CA ALA B 28 -27.80 -1.98 26.67
C ALA B 28 -28.21 -2.37 25.28
N GLU B 29 -27.85 -1.52 24.30
CA GLU B 29 -28.18 -1.83 22.91
C GLU B 29 -27.12 -2.68 22.14
N VAL B 30 -25.84 -2.44 22.40
CA VAL B 30 -24.81 -3.04 21.53
C VAL B 30 -24.28 -4.38 22.07
N LEU B 31 -24.59 -4.66 23.34
CA LEU B 31 -24.20 -5.92 24.00
C LEU B 31 -25.43 -6.76 24.32
N ASP B 32 -25.32 -8.08 24.24
CA ASP B 32 -26.48 -8.93 24.48
C ASP B 32 -26.25 -9.61 25.82
N GLY B 33 -27.24 -10.36 26.32
CA GLY B 33 -27.15 -10.89 27.67
C GLY B 33 -25.93 -11.76 27.89
N ARG B 34 -25.64 -12.61 26.90
CA ARG B 34 -24.51 -13.54 27.01
C ARG B 34 -23.21 -12.81 27.16
N THR B 35 -23.01 -11.73 26.39
CA THR B 35 -21.75 -10.98 26.46
C THR B 35 -21.62 -10.29 27.82
N LEU B 36 -22.73 -9.78 28.34
CA LEU B 36 -22.67 -9.03 29.59
C LEU B 36 -22.30 -9.97 30.73
N LYS B 37 -22.79 -11.19 30.64
CA LYS B 37 -22.49 -12.21 31.64
C LYS B 37 -20.99 -12.49 31.63
N THR B 38 -20.42 -12.63 30.43
CA THR B 38 -18.99 -12.83 30.27
C THR B 38 -18.22 -11.69 30.89
N LEU B 39 -18.70 -10.46 30.71
CA LEU B 39 -18.03 -9.34 31.32
C LEU B 39 -18.14 -9.43 32.82
N TYR B 40 -19.29 -9.89 33.31
CA TYR B 40 -19.47 -9.94 34.74
C TYR B 40 -18.54 -11.03 35.29
N LYS B 41 -18.40 -12.14 34.56
CA LYS B 41 -17.45 -13.19 34.98
C LYS B 41 -16.05 -12.61 35.13
N LEU B 42 -15.66 -11.75 34.20
CA LEU B 42 -14.32 -11.18 34.17
C LEU B 42 -14.16 -10.21 35.32
N SER B 43 -15.25 -9.55 35.68
CA SER B 43 -15.22 -8.61 36.78
C SER B 43 -15.10 -9.36 38.11
N ALA B 44 -15.87 -10.43 38.25
CA ALA B 44 -15.92 -11.17 39.53
C ALA B 44 -14.62 -11.97 39.79
N LYS B 45 -14.01 -12.46 38.71
CA LYS B 45 -12.68 -13.06 38.74
C LYS B 45 -11.61 -12.04 39.10
N GLY B 46 -11.90 -10.75 38.97
CA GLY B 46 -10.93 -9.72 39.35
C GLY B 46 -10.14 -9.05 38.23
N TYR B 47 -10.40 -9.40 36.96
CA TYR B 47 -9.71 -8.78 35.81
C TYR B 47 -10.25 -7.38 35.47
N ILE B 48 -11.55 -7.20 35.66
CA ILE B 48 -12.18 -5.92 35.46
C ILE B 48 -12.59 -5.32 36.80
N THR B 49 -12.21 -4.08 37.02
CA THR B 49 -12.57 -3.32 38.21
C THR B 49 -13.84 -2.54 37.92
N ALA B 50 -13.84 -1.84 36.78
CA ALA B 50 -14.97 -1.03 36.41
C ALA B 50 -14.95 -0.75 34.94
N MET B 51 -16.03 -1.11 34.25
CA MET B 51 -16.21 -0.71 32.84
C MET B 51 -16.42 0.77 32.79
N GLY B 52 -16.07 1.40 31.68
CA GLY B 52 -16.20 2.84 31.53
C GLY B 52 -16.89 3.27 30.24
N GLY B 53 -16.36 4.32 29.64
CA GLY B 53 -16.92 4.94 28.44
C GLY B 53 -16.99 3.99 27.24
N VAL B 54 -17.88 4.29 26.30
CA VAL B 54 -17.87 3.52 25.08
C VAL B 54 -16.95 4.23 24.10
N ILE B 55 -15.96 3.50 23.60
CA ILE B 55 -14.96 4.07 22.71
C ILE B 55 -15.38 3.99 21.25
N SER B 56 -15.89 2.83 20.85
CA SER B 56 -16.27 2.67 19.44
C SER B 56 -17.42 1.72 19.31
N THR B 57 -18.34 2.03 18.39
CA THR B 57 -19.41 1.07 18.10
C THR B 57 -19.43 0.77 16.62
N GLY B 58 -19.36 -0.51 16.29
CA GLY B 58 -19.06 -0.91 14.93
C GLY B 58 -20.01 -1.96 14.45
N LYS B 59 -19.77 -2.48 13.26
CA LYS B 59 -20.59 -3.53 12.68
C LYS B 59 -20.11 -4.94 13.11
N GLU B 60 -18.83 -5.07 13.45
CA GLU B 60 -18.26 -6.38 13.80
C GLU B 60 -17.95 -6.47 15.30
N ALA B 61 -17.57 -5.34 15.87
CA ALA B 61 -17.01 -5.26 17.21
C ALA B 61 -17.42 -3.93 17.83
N ASN B 62 -17.50 -3.90 19.16
CA ASN B 62 -17.57 -2.67 19.93
C ASN B 62 -16.38 -2.53 20.87
N VAL B 63 -15.91 -1.31 21.13
CA VAL B 63 -14.76 -1.13 22.02
C VAL B 63 -15.12 -0.22 23.18
N PHE B 64 -14.72 -0.61 24.40
CA PHE B 64 -15.00 0.15 25.62
C PHE B 64 -13.75 0.37 26.45
N TYR B 65 -13.76 1.43 27.25
CA TYR B 65 -12.73 1.62 28.25
C TYR B 65 -13.06 0.78 29.51
N ALA B 66 -12.03 0.27 30.18
CA ALA B 66 -12.19 -0.36 31.50
C ALA B 66 -10.97 -0.17 32.40
N ASP B 67 -11.24 0.03 33.68
CA ASP B 67 -10.19 -0.13 34.66
C ASP B 67 -10.16 -1.59 35.07
N GLY B 68 -8.96 -2.15 35.16
CA GLY B 68 -8.80 -3.55 35.46
C GLY B 68 -7.48 -3.89 36.11
N VAL B 69 -7.21 -5.18 36.22
CA VAL B 69 -5.99 -5.62 36.89
C VAL B 69 -5.33 -6.68 36.05
N PHE B 70 -4.04 -6.49 35.81
CA PHE B 70 -3.24 -7.45 35.10
C PHE B 70 -1.80 -7.39 35.62
N ASP B 71 -1.17 -8.55 35.76
CA ASP B 71 0.17 -8.58 36.36
C ASP B 71 0.12 -8.03 37.78
N GLY B 72 -1.03 -8.15 38.42
CA GLY B 72 -1.18 -7.68 39.79
C GLY B 72 -1.07 -6.16 39.90
N LYS B 73 -1.14 -5.48 38.76
CA LYS B 73 -1.19 -4.02 38.80
C LYS B 73 -2.48 -3.55 38.13
N PRO B 74 -3.02 -2.40 38.60
CA PRO B 74 -4.18 -1.78 37.96
C PRO B 74 -3.72 -1.30 36.59
N VAL B 75 -4.53 -1.59 35.57
CA VAL B 75 -4.24 -1.11 34.22
C VAL B 75 -5.45 -0.48 33.58
N ALA B 76 -5.20 0.54 32.77
CA ALA B 76 -6.19 1.09 31.83
C ALA B 76 -6.36 0.09 30.70
N MET B 77 -7.60 -0.33 30.44
CA MET B 77 -7.86 -1.34 29.43
C MET B 77 -8.75 -0.84 28.32
N ALA B 78 -8.48 -1.35 27.12
CA ALA B 78 -9.47 -1.30 26.08
C ALA B 78 -10.05 -2.69 26.06
N VAL B 79 -11.37 -2.75 26.02
CA VAL B 79 -12.10 -4.00 26.04
C VAL B 79 -12.72 -4.06 24.67
N LYS B 80 -12.28 -5.01 23.85
CA LYS B 80 -12.82 -5.08 22.50
C LYS B 80 -13.70 -6.31 22.41
N ILE B 81 -14.94 -6.09 21.97
CA ILE B 81 -15.96 -7.13 21.99
C ILE B 81 -16.53 -7.43 20.61
N TYR B 82 -16.35 -8.66 20.14
CA TYR B 82 -16.95 -9.05 18.87
C TYR B 82 -18.42 -9.41 19.05
N ARG B 83 -19.28 -8.88 18.16
CA ARG B 83 -20.72 -9.14 18.23
C ARG B 83 -20.97 -10.59 17.90
N ILE B 84 -21.77 -11.25 18.75
CA ILE B 84 -22.01 -12.68 18.64
C ILE B 84 -22.54 -13.10 17.27
N GLU B 85 -23.25 -12.19 16.60
CA GLU B 85 -23.28 -12.23 15.12
C GLU B 85 -22.63 -10.97 14.54
N ASP B 93 -13.79 -14.67 5.79
CA ASP B 93 -13.50 -16.10 5.90
C ASP B 93 -12.16 -16.51 5.30
N GLU B 94 -11.76 -15.80 4.25
CA GLU B 94 -10.46 -16.02 3.64
C GLU B 94 -9.34 -15.80 4.64
N TYR B 95 -9.63 -15.04 5.69
CA TYR B 95 -8.62 -14.69 6.69
C TYR B 95 -8.61 -15.70 7.79
N LEU B 96 -9.66 -16.51 7.85
CA LEU B 96 -9.79 -17.55 8.86
C LEU B 96 -9.31 -18.90 8.30
N TYR B 97 -10.05 -19.45 7.33
CA TYR B 97 -9.58 -20.62 6.58
C TYR B 97 -8.35 -20.16 5.79
N GLY B 98 -7.43 -21.08 5.55
CA GLY B 98 -6.20 -20.66 4.88
C GLY B 98 -5.11 -20.25 5.85
N ASP B 99 -5.48 -19.74 7.03
CA ASP B 99 -4.50 -19.58 8.09
C ASP B 99 -4.24 -20.96 8.70
N GLU B 100 -2.98 -21.38 8.73
CA GLU B 100 -2.64 -22.76 9.06
C GLU B 100 -3.07 -23.10 10.48
N ARG B 101 -3.12 -22.09 11.33
CA ARG B 101 -3.39 -22.31 12.74
C ARG B 101 -4.84 -22.68 13.00
N PHE B 102 -5.68 -22.54 11.97
CA PHE B 102 -7.12 -22.76 12.17
C PHE B 102 -7.83 -23.79 11.25
N ASP B 103 -7.22 -24.95 11.08
CA ASP B 103 -7.90 -26.09 10.43
C ASP B 103 -8.27 -27.23 11.39
N MET B 104 -7.57 -27.32 12.52
CA MET B 104 -7.75 -28.39 13.50
C MET B 104 -8.92 -28.07 14.42
N ARG B 105 -9.56 -26.94 14.16
CA ARG B 105 -10.38 -26.28 15.16
C ARG B 105 -11.88 -26.30 14.90
N ARG B 106 -12.31 -26.88 13.82
CA ARG B 106 -13.75 -26.98 13.52
C ARG B 106 -14.59 -25.83 12.97
N ILE B 107 -14.26 -24.59 13.26
CA ILE B 107 -15.05 -23.46 12.73
C ILE B 107 -16.57 -23.66 12.67
N SER B 108 -17.14 -24.15 13.77
CA SER B 108 -18.59 -24.18 13.98
C SER B 108 -19.13 -22.75 13.96
N PRO B 109 -20.31 -22.58 13.37
CA PRO B 109 -21.02 -21.28 13.35
C PRO B 109 -21.15 -20.66 14.75
N LYS B 110 -21.55 -21.45 15.74
CA LYS B 110 -21.77 -20.93 17.09
C LYS B 110 -20.45 -20.68 17.84
N GLU B 111 -19.34 -21.05 17.20
CA GLU B 111 -18.03 -20.93 17.83
C GLU B 111 -17.18 -19.91 17.04
N LYS B 112 -17.63 -19.59 15.83
CA LYS B 112 -16.82 -18.81 14.90
C LYS B 112 -16.27 -17.51 15.48
N VAL B 113 -17.16 -16.70 16.07
CA VAL B 113 -16.76 -15.42 16.65
C VAL B 113 -15.77 -15.60 17.79
N PHE B 114 -15.91 -16.69 18.54
CA PHE B 114 -14.97 -16.95 19.63
C PHE B 114 -13.59 -17.33 19.11
N ILE B 115 -13.58 -18.03 17.98
CA ILE B 115 -12.33 -18.42 17.34
C ILE B 115 -11.67 -17.19 16.72
N TRP B 116 -12.48 -16.27 16.19
CA TRP B 116 -11.92 -15.01 15.72
C TRP B 116 -11.26 -14.19 16.86
N THR B 117 -11.94 -14.07 17.99
CA THR B 117 -11.38 -13.39 19.16
C THR B 117 -10.07 -14.01 19.59
N GLU B 118 -10.03 -15.33 19.61
CA GLU B 118 -8.83 -16.06 20.00
C GLU B 118 -7.71 -15.73 19.02
N LYS B 119 -8.04 -15.73 17.74
CA LYS B 119 -7.08 -15.39 16.69
C LYS B 119 -6.52 -14.01 16.91
N GLU B 120 -7.38 -13.03 17.17
CA GLU B 120 -6.82 -11.71 17.41
C GLU B 120 -5.89 -11.73 18.65
N PHE B 121 -6.33 -12.29 19.77
CA PHE B 121 -5.47 -12.38 20.93
C PHE B 121 -4.11 -13.01 20.58
N ARG B 122 -4.11 -14.14 19.89
CA ARG B 122 -2.83 -14.78 19.54
C ARG B 122 -2.00 -13.97 18.54
N ASN B 123 -2.65 -13.20 17.67
CA ASN B 123 -1.90 -12.31 16.80
C ASN B 123 -1.26 -11.20 17.61
N LEU B 124 -2.00 -10.67 18.58
CA LEU B 124 -1.45 -9.63 19.41
C LEU B 124 -0.24 -10.12 20.19
N GLU B 125 -0.32 -11.29 20.83
CA GLU B 125 0.83 -11.82 21.57
C GLU B 125 2.02 -11.97 20.61
N ARG B 126 1.75 -12.60 19.48
CA ARG B 126 2.78 -12.90 18.47
C ARG B 126 3.49 -11.65 18.03
N ALA B 127 2.71 -10.64 17.67
CA ALA B 127 3.27 -9.36 17.25
C ALA B 127 4.03 -8.71 18.39
N LYS B 128 3.37 -8.57 19.54
CA LYS B 128 3.98 -7.91 20.69
C LYS B 128 5.32 -8.57 21.07
N GLU B 129 5.34 -9.89 21.16
CA GLU B 129 6.58 -10.56 21.53
C GLU B 129 7.69 -10.42 20.48
N ALA B 130 7.31 -10.16 19.23
CA ALA B 130 8.32 -9.96 18.20
C ALA B 130 8.74 -8.49 18.12
N GLY B 131 8.30 -7.68 19.07
CA GLY B 131 8.69 -6.26 19.12
C GLY B 131 7.93 -5.27 18.23
N VAL B 132 6.81 -5.73 17.66
CA VAL B 132 5.88 -4.82 16.97
C VAL B 132 5.10 -4.06 18.00
N SER B 133 4.83 -2.79 17.71
CA SER B 133 4.03 -1.94 18.57
C SER B 133 2.55 -2.21 18.38
N VAL B 134 2.00 -3.05 19.25
CA VAL B 134 0.55 -3.29 19.35
C VAL B 134 0.18 -3.15 20.82
N PRO B 135 -1.12 -3.02 21.15
CA PRO B 135 -1.43 -2.90 22.57
C PRO B 135 -1.08 -4.20 23.29
N GLN B 136 -0.47 -4.11 24.46
CA GLN B 136 -0.24 -5.35 25.27
C GLN B 136 -1.54 -6.16 25.45
N PRO B 137 -1.64 -7.36 24.89
CA PRO B 137 -2.82 -8.19 25.19
C PRO B 137 -2.79 -8.74 26.62
N TYR B 138 -3.94 -8.77 27.31
CA TYR B 138 -3.96 -9.15 28.72
C TYR B 138 -4.61 -10.50 28.82
N THR B 139 -5.90 -10.56 28.49
CA THR B 139 -6.60 -11.84 28.40
C THR B 139 -7.76 -11.78 27.44
N TYR B 140 -8.41 -12.93 27.26
CA TYR B 140 -9.65 -13.01 26.49
C TYR B 140 -10.58 -14.09 27.02
N MET B 141 -11.87 -13.95 26.76
CA MET B 141 -12.84 -14.95 27.14
C MET B 141 -13.99 -14.86 26.17
N LYS B 142 -14.31 -15.97 25.53
CA LYS B 142 -15.39 -16.01 24.56
C LYS B 142 -15.15 -14.93 23.49
N ASN B 143 -16.08 -13.96 23.36
CA ASN B 143 -15.97 -12.86 22.37
C ASN B 143 -15.40 -11.57 22.95
N VAL B 144 -14.79 -11.68 24.12
CA VAL B 144 -14.26 -10.51 24.84
C VAL B 144 -12.73 -10.50 24.91
N LEU B 145 -12.15 -9.39 24.47
CA LEU B 145 -10.71 -9.20 24.47
C LEU B 145 -10.33 -8.08 25.41
N LEU B 146 -9.40 -8.33 26.35
CA LEU B 146 -8.95 -7.26 27.23
C LEU B 146 -7.52 -6.94 26.84
N MET B 147 -7.21 -5.66 26.64
CA MET B 147 -5.86 -5.28 26.24
C MET B 147 -5.43 -3.93 26.77
N GLU B 148 -4.19 -3.55 26.47
CA GLU B 148 -3.66 -2.29 26.94
C GLU B 148 -4.44 -1.13 26.33
N PHE B 149 -4.82 -0.14 27.14
CA PHE B 149 -5.51 1.04 26.61
C PHE B 149 -4.50 2.02 25.99
N ILE B 150 -4.65 2.32 24.70
CA ILE B 150 -3.75 3.27 24.04
C ILE B 150 -4.35 4.68 24.10
N GLY B 151 -3.75 5.54 24.92
CA GLY B 151 -4.27 6.86 25.24
C GLY B 151 -4.02 7.24 26.70
N GLU B 152 -4.64 8.30 27.18
CA GLU B 152 -4.49 8.65 28.59
C GLU B 152 -5.74 9.30 29.16
N ASP B 153 -5.94 9.14 30.45
CA ASP B 153 -7.12 9.69 31.10
C ASP B 153 -8.39 9.33 30.33
N GLU B 154 -8.47 8.05 29.93
CA GLU B 154 -9.67 7.45 29.36
C GLU B 154 -10.01 7.95 27.96
N LEU B 155 -9.15 8.76 27.36
CA LEU B 155 -9.40 9.10 25.95
C LEU B 155 -8.38 8.46 25.02
N PRO B 156 -8.87 7.71 24.04
CA PRO B 156 -7.98 6.96 23.16
C PRO B 156 -7.08 7.87 22.33
N ALA B 157 -5.87 7.39 22.08
CA ALA B 157 -4.96 8.08 21.18
C ALA B 157 -5.67 8.20 19.86
N PRO B 158 -5.41 9.27 19.13
CA PRO B 158 -6.00 9.40 17.77
C PRO B 158 -5.41 8.38 16.78
N THR B 159 -6.26 7.85 15.91
CA THR B 159 -5.80 7.11 14.73
C THR B 159 -5.23 8.10 13.73
N LEU B 160 -4.48 7.60 12.76
CA LEU B 160 -3.89 8.50 11.76
C LEU B 160 -4.91 9.35 11.00
N VAL B 161 -6.03 8.76 10.63
CA VAL B 161 -7.07 9.47 9.92
C VAL B 161 -7.66 10.57 10.80
N GLU B 162 -7.81 10.32 12.10
CA GLU B 162 -8.25 11.34 13.07
C GLU B 162 -7.23 12.46 13.25
N LEU B 163 -5.95 12.13 13.09
CA LEU B 163 -4.93 13.15 13.03
C LEU B 163 -5.14 14.00 11.79
N GLY B 164 -5.33 13.36 10.64
CA GLY B 164 -5.43 14.09 9.38
C GLY B 164 -4.39 15.19 9.21
N ARG B 165 -4.84 16.42 8.90
CA ARG B 165 -3.89 17.49 8.57
C ARG B 165 -2.92 17.76 9.69
N GLU B 166 -3.29 17.38 10.91
CA GLU B 166 -2.40 17.64 12.02
C GLU B 166 -1.06 16.91 11.79
N LEU B 167 -1.07 15.91 10.91
CA LEU B 167 0.19 15.20 10.57
C LEU B 167 1.25 16.13 9.96
N LYS B 168 0.80 17.18 9.27
CA LYS B 168 1.74 18.17 8.76
C LYS B 168 2.40 18.95 9.88
N GLU B 169 1.79 18.95 11.05
CA GLU B 169 2.38 19.61 12.21
C GLU B 169 3.26 18.63 12.97
N LEU B 170 3.35 17.39 12.50
CA LEU B 170 4.17 16.38 13.17
C LEU B 170 5.30 15.91 12.30
N ASP B 171 6.13 15.00 12.81
CA ASP B 171 7.17 14.42 11.99
C ASP B 171 6.55 13.33 11.10
N VAL B 172 5.81 13.76 10.08
CA VAL B 172 5.05 12.79 9.27
C VAL B 172 5.95 11.76 8.59
N GLU B 173 7.15 12.17 8.20
CA GLU B 173 8.09 11.23 7.61
C GLU B 173 8.59 10.23 8.67
N GLY B 174 8.83 10.72 9.89
CA GLY B 174 9.19 9.84 10.99
C GLY B 174 8.08 8.88 11.33
N ILE B 175 6.84 9.39 11.35
CA ILE B 175 5.68 8.54 11.63
C ILE B 175 5.54 7.43 10.58
N PHE B 176 5.68 7.82 9.31
CA PHE B 176 5.72 6.86 8.20
C PHE B 176 6.81 5.81 8.40
N ASN B 177 8.02 6.24 8.73
CA ASN B 177 9.10 5.29 8.94
C ASN B 177 8.83 4.37 10.15
N ASP B 178 8.17 4.90 11.16
CA ASP B 178 7.75 4.11 12.32
C ASP B 178 6.80 3.02 11.86
N VAL B 179 5.82 3.40 11.04
CA VAL B 179 4.90 2.41 10.47
C VAL B 179 5.65 1.36 9.66
N VAL B 180 6.58 1.79 8.82
CA VAL B 180 7.30 0.83 7.97
C VAL B 180 8.12 -0.15 8.84
N GLU B 181 8.79 0.37 9.86
CA GLU B 181 9.57 -0.45 10.77
C GLU B 181 8.69 -1.49 11.45
N ASN B 182 7.47 -1.10 11.82
CA ASN B 182 6.56 -2.06 12.44
C ASN B 182 6.04 -3.14 11.50
N VAL B 183 5.74 -2.76 10.26
CA VAL B 183 5.43 -3.73 9.20
C VAL B 183 6.60 -4.67 8.98
N LYS B 184 7.81 -4.11 8.99
CA LYS B 184 8.99 -4.93 8.76
C LYS B 184 9.19 -5.93 9.90
N ARG B 185 9.00 -5.48 11.14
CA ARG B 185 9.05 -6.39 12.28
C ARG B 185 7.93 -7.43 12.23
N LEU B 186 6.73 -6.98 11.91
CA LEU B 186 5.57 -7.87 11.83
C LEU B 186 5.88 -9.03 10.85
N TYR B 187 6.38 -8.68 9.67
CA TYR B 187 6.70 -9.63 8.66
C TYR B 187 7.91 -10.51 8.98
N GLN B 188 9.04 -9.90 9.30
CA GLN B 188 10.32 -10.61 9.54
C GLN B 188 10.41 -11.41 10.86
N GLU B 189 10.03 -10.79 11.98
CA GLU B 189 10.07 -11.48 13.28
C GLU B 189 8.79 -12.19 13.66
N ALA B 190 7.66 -11.50 13.56
CA ALA B 190 6.39 -12.11 13.93
C ALA B 190 5.91 -13.07 12.83
N GLU B 191 6.42 -12.92 11.61
CA GLU B 191 5.92 -13.71 10.48
C GLU B 191 4.40 -13.62 10.30
N LEU B 192 3.89 -12.40 10.41
CA LEU B 192 2.50 -12.12 10.13
C LEU B 192 2.36 -11.00 9.07
N VAL B 193 1.23 -10.97 8.38
CA VAL B 193 0.82 -9.81 7.58
C VAL B 193 -0.48 -9.32 8.20
N HIS B 194 -0.56 -8.02 8.48
CA HIS B 194 -1.73 -7.43 9.14
C HIS B 194 -2.97 -7.67 8.30
N ALA B 195 -2.87 -7.36 7.02
CA ALA B 195 -3.89 -7.71 6.04
C ALA B 195 -5.07 -6.73 6.02
N ASP B 196 -5.08 -5.77 6.92
CA ASP B 196 -6.02 -4.64 6.79
C ASP B 196 -5.37 -3.35 7.29
N LEU B 197 -4.09 -3.15 6.98
CA LEU B 197 -3.38 -1.98 7.52
C LEU B 197 -3.77 -0.70 6.80
N SER B 198 -4.20 0.30 7.57
CA SER B 198 -4.65 1.57 7.03
C SER B 198 -4.60 2.62 8.12
N GLU B 199 -4.92 3.84 7.73
CA GLU B 199 -4.98 4.98 8.63
C GLU B 199 -6.08 4.81 9.69
N TYR B 200 -6.96 3.84 9.47
CA TYR B 200 -8.06 3.62 10.40
C TYR B 200 -7.65 2.69 11.53
N ASN B 201 -6.57 1.95 11.35
CA ASN B 201 -6.13 1.07 12.45
C ASN B 201 -4.66 1.21 12.88
N ILE B 202 -4.18 2.43 12.76
CA ILE B 202 -2.88 2.82 13.29
C ILE B 202 -3.13 4.00 14.19
N MET B 203 -2.78 3.86 15.46
CA MET B 203 -2.95 4.97 16.40
C MET B 203 -1.59 5.57 16.71
N TYR B 204 -1.57 6.79 17.25
CA TYR B 204 -0.30 7.46 17.48
C TYR B 204 -0.31 8.22 18.79
N ILE B 205 0.64 7.87 19.64
CA ILE B 205 0.88 8.58 20.90
C ILE B 205 2.21 9.31 20.81
N ASP B 206 3.27 8.63 21.21
CA ASP B 206 4.62 9.17 21.02
C ASP B 206 5.26 8.40 19.86
N LYS B 207 4.51 7.43 19.36
CA LYS B 207 4.99 6.49 18.38
C LYS B 207 3.72 5.81 17.91
N VAL B 208 3.82 5.00 16.86
CA VAL B 208 2.63 4.31 16.33
C VAL B 208 2.35 2.97 17.02
N TYR B 209 1.07 2.62 17.00
CA TYR B 209 0.61 1.31 17.46
C TYR B 209 -0.32 0.81 16.38
N PHE B 210 -0.17 -0.45 16.01
CA PHE B 210 -1.15 -1.10 15.15
C PHE B 210 -2.28 -1.72 16.00
N ILE B 211 -3.51 -1.61 15.51
CA ILE B 211 -4.66 -2.28 16.16
C ILE B 211 -5.47 -3.11 15.16
N ASP B 212 -6.53 -3.76 15.66
CA ASP B 212 -7.36 -4.60 14.81
C ASP B 212 -6.54 -5.66 14.04
N MET B 213 -6.11 -6.69 14.78
CA MET B 213 -5.23 -7.76 14.32
C MET B 213 -5.99 -9.06 14.12
N GLY B 214 -7.30 -9.03 14.29
CA GLY B 214 -8.08 -10.23 14.07
C GLY B 214 -7.80 -10.93 12.75
N GLN B 215 -7.69 -10.19 11.64
CA GLN B 215 -7.53 -10.82 10.33
C GLN B 215 -6.07 -11.20 9.96
N ALA B 216 -5.11 -10.76 10.75
CA ALA B 216 -3.73 -11.00 10.39
C ALA B 216 -3.46 -12.51 10.17
N VAL B 217 -2.64 -12.82 9.17
CA VAL B 217 -2.35 -14.21 8.82
C VAL B 217 -0.85 -14.43 8.82
N THR B 218 -0.41 -15.66 9.10
CA THR B 218 1.03 -15.96 9.01
C THR B 218 1.48 -15.97 7.54
N LEU B 219 2.79 -16.04 7.36
CA LEU B 219 3.34 -15.90 6.02
C LEU B 219 3.02 -17.14 5.20
N ARG B 220 2.54 -18.18 5.87
CA ARG B 220 2.24 -19.44 5.19
C ARG B 220 0.87 -19.42 4.55
N HIS B 221 0.06 -18.43 4.93
CA HIS B 221 -1.20 -18.21 4.25
C HIS B 221 -0.81 -17.94 2.81
N PRO B 222 -1.52 -18.54 1.86
CA PRO B 222 -1.23 -18.37 0.43
C PRO B 222 -1.46 -16.96 -0.11
N MET B 223 -2.21 -16.10 0.58
CA MET B 223 -2.42 -14.75 0.06
C MET B 223 -1.56 -13.77 0.82
N ALA B 224 -0.67 -14.29 1.66
CA ALA B 224 0.06 -13.45 2.58
C ALA B 224 0.84 -12.35 1.90
N GLU B 225 1.49 -12.68 0.78
CA GLU B 225 2.33 -11.72 0.09
C GLU B 225 1.49 -10.70 -0.68
N SER B 226 0.33 -11.13 -1.14
CA SER B 226 -0.61 -10.22 -1.75
C SER B 226 -1.19 -9.30 -0.67
N TYR B 227 -1.49 -9.83 0.52
CA TYR B 227 -2.00 -8.97 1.58
C TYR B 227 -0.97 -7.92 1.98
N LEU B 228 0.29 -8.34 2.04
CA LEU B 228 1.36 -7.42 2.40
C LEU B 228 1.48 -6.26 1.40
N GLU B 229 1.49 -6.57 0.11
CA GLU B 229 1.71 -5.52 -0.86
C GLU B 229 0.55 -4.56 -0.83
N ARG B 230 -0.66 -5.09 -0.65
CA ARG B 230 -1.85 -4.25 -0.43
C ARG B 230 -1.65 -3.31 0.77
N ASP B 231 -1.17 -3.86 1.89
CA ASP B 231 -0.85 -3.06 3.09
C ASP B 231 0.12 -1.92 2.76
N VAL B 232 1.21 -2.25 2.06
CA VAL B 232 2.26 -1.29 1.72
C VAL B 232 1.77 -0.19 0.76
N ARG B 233 1.09 -0.59 -0.31
CA ARG B 233 0.49 0.38 -1.22
C ARG B 233 -0.47 1.26 -0.46
N ASN B 234 -1.18 0.67 0.51
CA ASN B 234 -2.20 1.43 1.22
C ASN B 234 -1.59 2.54 2.05
N ILE B 235 -0.54 2.18 2.78
CA ILE B 235 0.20 3.11 3.61
C ILE B 235 0.91 4.21 2.83
N ILE B 236 1.57 3.84 1.75
CA ILE B 236 2.25 4.81 0.91
C ILE B 236 1.27 5.84 0.33
N ARG B 237 0.10 5.37 -0.09
CA ARG B 237 -0.90 6.24 -0.67
C ARG B 237 -1.50 7.21 0.36
N PHE B 238 -1.73 6.71 1.57
CA PHE B 238 -2.20 7.58 2.63
C PHE B 238 -1.20 8.63 2.99
N PHE B 239 0.07 8.26 3.13
CA PHE B 239 1.05 9.26 3.58
C PHE B 239 1.41 10.22 2.45
N SER B 240 1.03 9.86 1.23
CA SER B 240 1.32 10.76 0.10
C SER B 240 0.52 12.02 0.28
N LYS B 241 -0.63 11.91 0.94
CA LYS B 241 -1.52 13.05 1.11
C LYS B 241 -0.90 14.04 2.07
N TYR B 242 0.12 13.61 2.80
CA TYR B 242 0.67 14.49 3.81
C TYR B 242 2.11 14.84 3.58
N GLY B 243 2.61 14.47 2.40
CA GLY B 243 3.88 14.96 1.93
C GLY B 243 5.02 13.95 1.97
N VAL B 244 4.72 12.72 2.36
CA VAL B 244 5.73 11.67 2.40
C VAL B 244 5.95 11.11 0.99
N LYS B 245 7.18 11.20 0.52
CA LYS B 245 7.53 10.69 -0.81
C LYS B 245 8.27 9.38 -0.68
N ALA B 246 7.61 8.32 -1.12
CA ALA B 246 8.14 7.00 -0.83
C ALA B 246 7.85 6.11 -2.01
N ASP B 247 8.74 5.16 -2.24
CA ASP B 247 8.66 4.28 -3.41
C ASP B 247 8.21 2.88 -2.98
N PHE B 248 7.21 2.37 -3.66
CA PHE B 248 6.64 1.06 -3.37
C PHE B 248 7.68 -0.06 -3.33
N GLU B 249 8.41 -0.20 -4.44
CA GLU B 249 9.45 -1.20 -4.56
C GLU B 249 10.41 -1.16 -3.37
N GLU B 250 10.90 0.03 -3.06
CA GLU B 250 11.92 0.16 -2.01
C GLU B 250 11.36 -0.27 -0.66
N MET B 251 10.17 0.23 -0.35
CA MET B 251 9.55 -0.08 0.93
C MET B 251 9.23 -1.58 1.04
N LEU B 252 8.63 -2.15 0.00
CA LEU B 252 8.35 -3.60 -0.05
C LEU B 252 9.62 -4.42 0.17
N LYS B 253 10.68 -4.11 -0.56
CA LYS B 253 11.96 -4.79 -0.34
C LYS B 253 12.49 -4.64 1.08
N GLU B 254 12.42 -3.42 1.61
CA GLU B 254 12.80 -3.19 3.02
C GLU B 254 12.03 -4.11 3.96
N VAL B 255 10.72 -4.18 3.75
CA VAL B 255 9.90 -4.96 4.66
C VAL B 255 10.30 -6.42 4.59
N LYS B 256 10.51 -6.92 3.37
CA LYS B 256 10.72 -8.35 3.17
C LYS B 256 12.17 -8.80 3.39
N GLY B 257 13.10 -7.86 3.41
CA GLY B 257 14.50 -8.19 3.65
C GLY B 257 15.32 -8.45 2.38
N GLU B 258 14.87 -7.87 1.28
CA GLU B 258 15.58 -7.90 0.01
C GLU B 258 16.42 -6.64 -0.19
#